data_5I7S
#
_entry.id   5I7S
#
_cell.length_a   74.430
_cell.length_b   75.860
_cell.length_c   89.110
_cell.angle_alpha   90.00
_cell.angle_beta   90.00
_cell.angle_gamma   90.00
#
_symmetry.space_group_name_H-M   'I 2 2 2'
#
loop_
_entity.id
_entity.type
_entity.pdbx_description
1 polymer 'Enoyl-[acyl-carrier-protein] reductase [NADH]'
2 non-polymer NICOTINAMIDE-ADENINE-DINUCLEOTIDE
3 non-polymer 5-ETHYL-2-PHENOXYPHENOL
4 water water
#
_entity_poly.entity_id   1
_entity_poly.type   'polypeptide(L)'
_entity_poly.pdbx_seq_one_letter_code
;MGFLDGKRILLTGLLSNRSIAYGIAKACKREGAELAFTYVGDRFKDRITEFAAEFGSELVFPCDVADDAQIDALFASLKT
HWDSLDGLVHSIGFAPREAIAGDFLDGLTRENFRIAHDISAYSFPALAKAALPMLSDDASLLTLSYLGAERAIPNYNTMG
LAKAALEASVRYLAVSLGAKGVRVNAISAGPIKTLAASGIKSFGKILDFVESNSPLKRNVTIEQVGNAGAFLLSDLASGV
TAEVMHVDSGFNAVVGGMAGLEEKLAAALEHHHHHH
;
_entity_poly.pdbx_strand_id   A
#
# COMPACT_ATOMS: atom_id res chain seq x y z
N GLY A 2 0.52 17.89 -15.29
CA GLY A 2 -0.21 16.72 -14.80
C GLY A 2 -0.95 17.07 -13.52
N PHE A 3 -1.82 16.17 -13.07
CA PHE A 3 -2.65 16.51 -11.91
C PHE A 3 -1.95 16.31 -10.55
N LEU A 4 -0.66 15.99 -10.60
CA LEU A 4 0.15 15.92 -9.38
C LEU A 4 1.35 16.86 -9.46
N ASP A 5 1.28 17.87 -10.34
CA ASP A 5 2.37 18.85 -10.47
C ASP A 5 2.79 19.40 -9.11
N GLY A 6 4.10 19.34 -8.82
CA GLY A 6 4.63 19.90 -7.60
C GLY A 6 4.49 19.06 -6.34
N LYS A 7 3.71 17.98 -6.42
CA LYS A 7 3.48 17.15 -5.23
C LYS A 7 4.68 16.27 -4.93
N ARG A 8 5.08 16.23 -3.67
CA ARG A 8 6.20 15.40 -3.23
C ARG A 8 5.66 14.16 -2.51
N ILE A 9 5.96 12.99 -3.06
CA ILE A 9 5.34 11.75 -2.61
C ILE A 9 6.40 10.70 -2.27
N LEU A 10 6.28 10.10 -1.08
CA LEU A 10 7.16 9.04 -0.64
C LEU A 10 6.47 7.70 -0.84
N LEU A 11 7.14 6.77 -1.54
CA LEU A 11 6.55 5.45 -1.79
C LEU A 11 7.32 4.34 -1.09
N THR A 12 6.61 3.55 -0.30
CA THR A 12 7.17 2.33 0.26
C THR A 12 6.78 1.16 -0.62
N GLY A 13 7.46 0.04 -0.45
CA GLY A 13 7.02 -1.22 -1.02
C GLY A 13 7.35 -1.49 -2.48
N LEU A 14 8.17 -0.66 -3.13
CA LEU A 14 8.52 -0.92 -4.52
C LEU A 14 9.65 -1.94 -4.58
N LEU A 15 9.28 -3.21 -4.69
CA LEU A 15 10.24 -4.32 -4.62
C LEU A 15 10.72 -4.74 -6.00
N SER A 16 9.80 -4.91 -6.94
CA SER A 16 10.15 -5.26 -8.32
C SER A 16 9.25 -4.50 -9.28
N ASN A 17 9.47 -4.68 -10.58
CA ASN A 17 8.62 -4.02 -11.57
C ASN A 17 7.22 -4.63 -11.68
N ARG A 18 6.94 -5.65 -10.87
CA ARG A 18 5.57 -6.16 -10.75
C ARG A 18 4.84 -5.57 -9.56
N SER A 19 5.57 -4.93 -8.65
CA SER A 19 4.99 -4.37 -7.42
C SER A 19 3.85 -3.38 -7.70
N ILE A 20 2.82 -3.40 -6.87
CA ILE A 20 1.77 -2.39 -6.95
C ILE A 20 2.39 -0.98 -6.84
N ALA A 21 3.37 -0.82 -5.96
CA ALA A 21 4.05 0.48 -5.81
C ALA A 21 4.74 0.96 -7.08
N TYR A 22 5.21 0.04 -7.91
CA TYR A 22 5.81 0.43 -9.19
C TYR A 22 4.76 1.09 -10.10
N GLY A 23 3.59 0.49 -10.17
CA GLY A 23 2.48 1.05 -10.94
C GLY A 23 2.08 2.42 -10.41
N ILE A 24 2.02 2.56 -9.09
CA ILE A 24 1.68 3.84 -8.49
C ILE A 24 2.77 4.86 -8.81
N ALA A 25 4.04 4.46 -8.68
CA ALA A 25 5.14 5.36 -9.00
C ALA A 25 5.07 5.86 -10.44
N LYS A 26 4.84 4.95 -11.37
CA LYS A 26 4.79 5.32 -12.78
C LYS A 26 3.66 6.34 -13.05
N ALA A 27 2.50 6.12 -12.47
CA ALA A 27 1.38 7.04 -12.67
C ALA A 27 1.64 8.40 -12.03
N CYS A 28 2.23 8.39 -10.84
CA CYS A 28 2.53 9.64 -10.13
C CYS A 28 3.57 10.48 -10.88
N LYS A 29 4.62 9.83 -11.38
CA LYS A 29 5.64 10.53 -12.15
C LYS A 29 5.03 11.14 -13.41
N ARG A 30 4.17 10.37 -14.08
CA ARG A 30 3.52 10.83 -15.29
C ARG A 30 2.74 12.11 -15.05
N GLU A 31 2.11 12.18 -13.89
CA GLU A 31 1.25 13.32 -13.55
C GLU A 31 1.99 14.44 -12.84
N GLY A 32 3.31 14.35 -12.80
CA GLY A 32 4.13 15.50 -12.42
C GLY A 32 4.72 15.50 -11.02
N ALA A 33 4.51 14.42 -10.28
CA ALA A 33 5.00 14.35 -8.90
C ALA A 33 6.52 14.18 -8.84
N GLU A 34 7.08 14.61 -7.72
CA GLU A 34 8.47 14.32 -7.37
C GLU A 34 8.41 13.16 -6.38
N LEU A 35 9.25 12.14 -6.60
CA LEU A 35 9.16 10.91 -5.81
C LEU A 35 10.38 10.62 -4.94
N ALA A 36 10.15 9.85 -3.87
CA ALA A 36 11.20 9.33 -3.01
C ALA A 36 10.76 7.92 -2.62
N PHE A 37 11.71 7.06 -2.27
CA PHE A 37 11.41 5.63 -2.10
C PHE A 37 12.07 5.04 -0.88
N THR A 38 11.44 4.03 -0.28
CA THR A 38 12.08 3.26 0.79
C THR A 38 12.40 1.84 0.31
N TYR A 39 13.26 1.15 1.06
CA TYR A 39 13.56 -0.26 0.79
C TYR A 39 13.90 -0.94 2.10
N VAL A 40 13.91 -2.27 2.09
CA VAL A 40 14.28 -3.06 3.27
C VAL A 40 15.33 -4.07 2.89
N GLY A 41 16.47 -4.03 3.55
CA GLY A 41 17.49 -5.01 3.30
C GLY A 41 18.56 -4.47 2.39
N ASP A 42 19.82 -4.58 2.84
CA ASP A 42 20.96 -4.03 2.13
C ASP A 42 21.10 -4.53 0.68
N ARG A 43 20.70 -5.77 0.41
CA ARG A 43 20.86 -6.31 -0.93
C ARG A 43 19.96 -5.64 -1.96
N PHE A 44 19.01 -4.83 -1.48
CA PHE A 44 18.05 -4.18 -2.36
C PHE A 44 18.39 -2.73 -2.69
N LYS A 45 19.46 -2.22 -2.06
CA LYS A 45 19.85 -0.82 -2.26
C LYS A 45 20.06 -0.48 -3.74
N ASP A 46 20.80 -1.33 -4.45
CA ASP A 46 21.08 -1.04 -5.85
C ASP A 46 19.81 -1.07 -6.71
N ARG A 47 18.94 -2.04 -6.46
CA ARG A 47 17.70 -2.18 -7.23
C ARG A 47 16.76 -0.99 -7.03
N ILE A 48 16.54 -0.61 -5.78
CA ILE A 48 15.64 0.51 -5.52
C ILE A 48 16.24 1.82 -6.05
N THR A 49 17.56 1.93 -6.03
CA THR A 49 18.22 3.12 -6.57
C THR A 49 17.98 3.24 -8.07
N GLU A 50 18.01 2.11 -8.78
CA GLU A 50 17.73 2.11 -10.21
C GLU A 50 16.29 2.54 -10.50
N PHE A 51 15.36 2.00 -9.72
CA PHE A 51 13.95 2.39 -9.84
C PHE A 51 13.79 3.88 -9.59
N ALA A 52 14.42 4.40 -8.54
CA ALA A 52 14.30 5.82 -8.25
C ALA A 52 14.80 6.67 -9.40
N ALA A 53 15.94 6.27 -9.96
CA ALA A 53 16.51 6.95 -11.12
C ALA A 53 15.56 6.92 -12.31
N GLU A 54 14.87 5.79 -12.52
CA GLU A 54 13.89 5.68 -13.59
C GLU A 54 12.79 6.74 -13.43
N PHE A 55 12.53 7.10 -12.18
CA PHE A 55 11.49 8.08 -11.88
C PHE A 55 12.10 9.44 -11.50
N GLY A 56 13.33 9.66 -11.95
CA GLY A 56 13.98 10.97 -11.85
C GLY A 56 14.41 11.39 -10.46
N SER A 57 14.71 10.42 -9.61
CA SER A 57 15.00 10.69 -8.21
C SER A 57 16.19 9.90 -7.68
N GLU A 58 16.91 10.49 -6.74
CA GLU A 58 17.98 9.78 -6.04
C GLU A 58 17.63 9.68 -4.56
N LEU A 59 16.36 9.94 -4.24
CA LEU A 59 15.92 9.95 -2.85
C LEU A 59 15.51 8.54 -2.44
N VAL A 60 16.45 7.81 -1.83
CA VAL A 60 16.22 6.43 -1.42
CA VAL A 60 16.18 6.43 -1.40
C VAL A 60 16.63 6.23 0.04
N PHE A 61 15.76 5.60 0.84
CA PHE A 61 16.01 5.44 2.28
C PHE A 61 15.63 4.06 2.78
N PRO A 62 16.45 3.47 3.67
CA PRO A 62 16.06 2.18 4.24
C PRO A 62 15.01 2.35 5.32
N CYS A 63 14.06 1.42 5.37
CA CYS A 63 13.09 1.43 6.46
C CYS A 63 12.44 0.07 6.62
N ASP A 64 12.83 -0.64 7.67
CA ASP A 64 12.14 -1.84 8.08
C ASP A 64 11.10 -1.38 9.08
N VAL A 65 9.82 -1.53 8.74
CA VAL A 65 8.76 -0.97 9.60
C VAL A 65 8.57 -1.73 10.90
N ALA A 66 9.30 -2.83 11.10
CA ALA A 66 9.33 -3.50 12.40
C ALA A 66 10.10 -2.69 13.44
N ASP A 67 10.89 -1.72 12.98
CA ASP A 67 11.88 -1.03 13.81
C ASP A 67 11.52 0.44 14.00
N ASP A 68 11.16 0.83 15.23
CA ASP A 68 10.81 2.22 15.55
C ASP A 68 11.92 3.20 15.14
N ALA A 69 13.17 2.82 15.38
CA ALA A 69 14.29 3.72 15.10
C ALA A 69 14.41 4.00 13.60
N GLN A 70 14.20 2.99 12.78
CA GLN A 70 14.28 3.18 11.33
C GLN A 70 13.13 4.03 10.81
N ILE A 71 11.96 3.92 11.44
CA ILE A 71 10.83 4.75 11.04
C ILE A 71 11.16 6.22 11.34
N ASP A 72 11.68 6.49 12.52
CA ASP A 72 12.07 7.86 12.87
C ASP A 72 13.18 8.40 11.97
N ALA A 73 14.19 7.57 11.70
CA ALA A 73 15.32 8.00 10.87
C ALA A 73 14.89 8.24 9.42
N LEU A 74 13.88 7.50 8.95
CA LEU A 74 13.33 7.71 7.61
C LEU A 74 12.91 9.16 7.41
N PHE A 75 12.07 9.65 8.31
CA PHE A 75 11.56 11.00 8.14
C PHE A 75 12.58 12.08 8.46
N ALA A 76 13.52 11.79 9.35
CA ALA A 76 14.62 12.73 9.60
C ALA A 76 15.45 12.85 8.32
N SER A 77 15.73 11.72 7.67
CA SER A 77 16.51 11.73 6.43
C SER A 77 15.77 12.47 5.32
N LEU A 78 14.50 12.14 5.16
CA LEU A 78 13.69 12.75 4.11
C LEU A 78 13.61 14.26 4.29
N LYS A 79 13.49 14.71 5.53
CA LYS A 79 13.41 16.12 5.88
C LYS A 79 14.65 16.93 5.46
N THR A 80 15.81 16.28 5.36
CA THR A 80 17.02 16.99 4.92
C THR A 80 16.88 17.42 3.47
N HIS A 81 15.96 16.77 2.75
CA HIS A 81 15.69 17.05 1.34
C HIS A 81 14.39 17.85 1.14
N TRP A 82 13.32 17.41 1.79
CA TRP A 82 12.00 18.01 1.60
C TRP A 82 11.51 18.69 2.86
N ASP A 83 11.18 19.98 2.77
CA ASP A 83 10.59 20.67 3.92
C ASP A 83 9.23 20.06 4.27
N SER A 84 8.48 19.67 3.24
CA SER A 84 7.15 19.12 3.45
C SER A 84 6.92 17.86 2.60
N LEU A 85 5.99 17.03 3.06
CA LEU A 85 5.61 15.81 2.36
C LEU A 85 4.13 15.88 1.95
N ASP A 86 3.85 15.68 0.66
CA ASP A 86 2.46 15.79 0.19
C ASP A 86 1.73 14.48 0.04
N GLY A 87 2.48 13.39 -0.09
CA GLY A 87 1.87 12.08 -0.27
C GLY A 87 2.68 10.97 0.35
N LEU A 88 1.99 9.95 0.83
CA LEU A 88 2.63 8.79 1.42
C LEU A 88 1.92 7.56 0.92
N VAL A 89 2.66 6.66 0.29
CA VAL A 89 2.10 5.40 -0.16
C VAL A 89 2.64 4.25 0.67
N HIS A 90 1.75 3.63 1.43
CA HIS A 90 2.05 2.46 2.25
C HIS A 90 1.64 1.26 1.41
N SER A 91 2.63 0.54 0.89
CA SER A 91 2.37 -0.62 0.05
C SER A 91 3.20 -1.75 0.62
N ILE A 92 2.86 -2.11 1.87
CA ILE A 92 3.66 -3.01 2.69
C ILE A 92 2.75 -4.03 3.34
N GLY A 93 3.06 -5.31 3.16
CA GLY A 93 2.35 -6.36 3.88
C GLY A 93 3.29 -7.54 4.10
N PHE A 94 3.11 -8.23 5.22
CA PHE A 94 3.85 -9.45 5.51
C PHE A 94 3.11 -10.34 6.50
N ALA A 95 3.15 -11.64 6.24
CA ALA A 95 2.76 -12.65 7.23
C ALA A 95 3.64 -13.86 7.03
N PRO A 96 3.98 -14.57 8.13
CA PRO A 96 4.72 -15.83 8.00
C PRO A 96 3.96 -16.78 7.11
N ARG A 97 4.70 -17.58 6.33
CA ARG A 97 4.12 -18.45 5.32
C ARG A 97 2.96 -19.32 5.82
N GLU A 98 3.10 -19.92 7.01
CA GLU A 98 2.07 -20.84 7.49
C GLU A 98 0.75 -20.14 7.82
N ALA A 99 0.83 -18.83 8.03
CA ALA A 99 -0.35 -18.04 8.41
C ALA A 99 -1.20 -17.66 7.20
N ILE A 100 -0.68 -17.92 6.00
CA ILE A 100 -1.41 -17.66 4.76
C ILE A 100 -1.48 -18.92 3.88
N ALA A 101 -1.59 -20.06 4.52
CA ALA A 101 -1.70 -21.32 3.79
C ALA A 101 -2.58 -22.30 4.57
N GLY A 102 -3.45 -23.00 3.85
CA GLY A 102 -4.25 -24.06 4.46
C GLY A 102 -5.30 -23.57 5.42
N ASP A 103 -5.50 -24.31 6.51
CA ASP A 103 -6.54 -23.97 7.46
C ASP A 103 -6.14 -22.79 8.34
N PHE A 104 -7.10 -21.91 8.61
CA PHE A 104 -6.86 -20.69 9.40
C PHE A 104 -6.30 -21.00 10.79
N LEU A 105 -6.88 -21.96 11.49
CA LEU A 105 -6.38 -22.30 12.82
C LEU A 105 -5.03 -23.03 12.82
N ASP A 106 -4.80 -23.90 11.83
CA ASP A 106 -3.51 -24.59 11.74
C ASP A 106 -2.33 -23.61 11.71
N GLY A 107 -2.51 -22.48 11.02
CA GLY A 107 -1.44 -21.50 10.89
C GLY A 107 -1.48 -20.34 11.87
N LEU A 108 -2.39 -20.43 12.84
CA LEU A 108 -2.53 -19.38 13.85
C LEU A 108 -1.62 -19.65 15.04
N THR A 109 -0.69 -18.74 15.30
CA THR A 109 0.01 -18.73 16.57
C THR A 109 0.03 -17.30 17.05
N ARG A 110 0.35 -17.09 18.32
CA ARG A 110 0.39 -15.72 18.84
C ARG A 110 1.42 -14.88 18.09
N GLU A 111 2.58 -15.47 17.82
CA GLU A 111 3.64 -14.74 17.12
C GLU A 111 3.29 -14.47 15.64
N ASN A 112 2.67 -15.43 14.97
CA ASN A 112 2.26 -15.21 13.57
C ASN A 112 1.25 -14.09 13.50
N PHE A 113 0.29 -14.10 14.44
CA PHE A 113 -0.70 -13.05 14.55
C PHE A 113 0.00 -11.71 14.79
N ARG A 114 0.93 -11.71 15.73
CA ARG A 114 1.57 -10.45 16.15
C ARG A 114 2.30 -9.84 14.97
N ILE A 115 3.10 -10.66 14.29
CA ILE A 115 3.92 -10.19 13.18
C ILE A 115 3.06 -9.68 12.02
N ALA A 116 2.05 -10.46 11.65
CA ALA A 116 1.18 -10.05 10.54
C ALA A 116 0.52 -8.71 10.82
N HIS A 117 0.04 -8.50 12.05
CA HIS A 117 -0.62 -7.24 12.39
C HIS A 117 0.38 -6.08 12.55
N ASP A 118 1.55 -6.37 13.08
CA ASP A 118 2.60 -5.38 13.27
C ASP A 118 3.04 -4.78 11.93
N ILE A 119 3.38 -5.64 10.98
CA ILE A 119 3.91 -5.19 9.70
C ILE A 119 2.80 -4.73 8.76
N SER A 120 1.68 -5.43 8.78
CA SER A 120 0.65 -5.18 7.76
C SER A 120 -0.36 -4.13 8.14
N ALA A 121 -0.57 -3.91 9.44
CA ALA A 121 -1.58 -2.94 9.88
C ALA A 121 -0.97 -1.80 10.68
N TYR A 122 -0.28 -2.11 11.78
CA TYR A 122 0.26 -1.07 12.65
C TYR A 122 1.16 -0.10 11.88
N SER A 123 1.93 -0.63 10.94
CA SER A 123 2.93 0.19 10.27
C SER A 123 2.33 1.37 9.52
N PHE A 124 1.06 1.29 9.11
CA PHE A 124 0.47 2.41 8.35
C PHE A 124 0.26 3.66 9.24
N PRO A 125 -0.54 3.54 10.31
CA PRO A 125 -0.62 4.73 11.18
C PRO A 125 0.71 5.07 11.85
N ALA A 126 1.61 4.10 12.02
CA ALA A 126 2.92 4.40 12.57
C ALA A 126 3.70 5.34 11.65
N LEU A 127 3.69 5.06 10.35
CA LEU A 127 4.32 5.96 9.39
C LEU A 127 3.62 7.32 9.37
N ALA A 128 2.28 7.31 9.45
CA ALA A 128 1.53 8.56 9.43
C ALA A 128 1.91 9.46 10.61
N LYS A 129 2.08 8.85 11.78
CA LYS A 129 2.41 9.60 12.98
C LYS A 129 3.83 10.16 12.86
N ALA A 130 4.76 9.36 12.35
CA ALA A 130 6.14 9.83 12.21
C ALA A 130 6.27 10.92 11.14
N ALA A 131 5.40 10.87 10.13
CA ALA A 131 5.40 11.82 9.02
C ALA A 131 4.71 13.14 9.39
N LEU A 132 3.80 13.11 10.35
CA LEU A 132 2.91 14.25 10.62
C LEU A 132 3.59 15.64 10.74
N PRO A 133 4.72 15.74 11.47
CA PRO A 133 5.34 17.07 11.56
C PRO A 133 5.72 17.70 10.21
N MET A 134 5.98 16.87 9.20
CA MET A 134 6.33 17.42 7.89
C MET A 134 5.21 17.32 6.83
N LEU A 135 4.06 16.77 7.20
CA LEU A 135 2.98 16.66 6.22
C LEU A 135 2.41 18.03 5.85
N SER A 136 2.20 18.27 4.56
CA SER A 136 1.52 19.48 4.15
C SER A 136 0.06 19.40 4.57
N ASP A 137 -0.61 20.55 4.62
CA ASP A 137 -1.99 20.55 5.11
C ASP A 137 -2.93 19.77 4.19
N ASP A 138 -2.60 19.72 2.90
CA ASP A 138 -3.39 19.02 1.89
CA ASP A 138 -3.44 18.97 1.97
C ASP A 138 -2.80 17.65 1.53
N ALA A 139 -1.96 17.09 2.39
CA ALA A 139 -1.32 15.80 2.11
C ALA A 139 -2.34 14.67 1.99
N SER A 140 -1.93 13.59 1.33
CA SER A 140 -2.79 12.45 1.11
C SER A 140 -2.03 11.17 1.39
N LEU A 141 -2.60 10.32 2.24
CA LEU A 141 -1.96 9.07 2.62
C LEU A 141 -2.76 7.90 2.06
N LEU A 142 -2.08 6.94 1.45
CA LEU A 142 -2.75 5.85 0.75
C LEU A 142 -2.17 4.51 1.18
N THR A 143 -3.04 3.55 1.48
CA THR A 143 -2.58 2.19 1.75
C THR A 143 -3.26 1.20 0.80
N LEU A 144 -2.78 -0.03 0.78
CA LEU A 144 -3.34 -1.07 -0.08
C LEU A 144 -3.94 -2.17 0.78
N SER A 145 -5.20 -2.48 0.51
CA SER A 145 -5.89 -3.55 1.24
C SER A 145 -6.40 -4.59 0.25
N TYR A 146 -7.12 -5.58 0.76
CA TYR A 146 -7.65 -6.67 -0.06
C TYR A 146 -9.00 -7.13 0.47
N LEU A 147 -9.83 -7.64 -0.44
CA LEU A 147 -11.17 -8.14 -0.15
C LEU A 147 -11.23 -9.13 1.01
N GLY A 148 -10.12 -9.82 1.26
CA GLY A 148 -10.00 -10.71 2.40
C GLY A 148 -10.29 -10.05 3.74
N ALA A 149 -10.22 -8.73 3.80
CA ALA A 149 -10.64 -7.99 4.99
C ALA A 149 -12.15 -8.09 5.22
N GLU A 150 -12.90 -8.15 4.12
CA GLU A 150 -14.36 -8.00 4.16
C GLU A 150 -15.07 -9.34 4.27
N ARG A 151 -14.55 -10.33 3.55
CA ARG A 151 -15.11 -11.67 3.52
C ARG A 151 -13.99 -12.69 3.58
N ALA A 152 -14.30 -13.88 4.07
CA ALA A 152 -13.30 -14.95 4.20
C ALA A 152 -12.91 -15.49 2.83
N ILE A 153 -11.61 -15.41 2.52
CA ILE A 153 -11.06 -15.92 1.27
C ILE A 153 -10.11 -17.06 1.61
N PRO A 154 -10.22 -18.19 0.87
CA PRO A 154 -9.38 -19.37 1.15
C PRO A 154 -7.90 -19.01 1.19
N ASN A 155 -7.23 -19.47 2.25
CA ASN A 155 -5.79 -19.27 2.47
C ASN A 155 -5.36 -17.88 2.95
N TYR A 156 -6.16 -16.86 2.69
CA TYR A 156 -5.74 -15.51 3.07
C TYR A 156 -5.63 -15.40 4.58
N ASN A 157 -6.54 -16.09 5.29
CA ASN A 157 -6.40 -16.37 6.71
C ASN A 157 -5.98 -15.19 7.60
N THR A 158 -4.82 -15.28 8.25
CA THR A 158 -4.40 -14.26 9.19
C THR A 158 -4.27 -12.86 8.54
N MET A 159 -3.92 -12.81 7.27
CA MET A 159 -3.86 -11.52 6.57
C MET A 159 -5.23 -10.85 6.48
N GLY A 160 -6.30 -11.63 6.46
CA GLY A 160 -7.63 -11.07 6.45
C GLY A 160 -7.92 -10.24 7.70
N LEU A 161 -7.50 -10.76 8.85
CA LEU A 161 -7.63 -10.05 10.11
C LEU A 161 -6.81 -8.78 10.07
N ALA A 162 -5.56 -8.87 9.59
CA ALA A 162 -4.70 -7.70 9.56
C ALA A 162 -5.20 -6.62 8.59
N LYS A 163 -5.73 -7.01 7.45
CA LYS A 163 -6.32 -6.04 6.52
C LYS A 163 -7.58 -5.37 7.09
N ALA A 164 -8.37 -6.11 7.87
CA ALA A 164 -9.53 -5.51 8.51
C ALA A 164 -9.09 -4.42 9.48
N ALA A 165 -8.06 -4.71 10.26
CA ALA A 165 -7.51 -3.70 11.16
C ALA A 165 -6.93 -2.51 10.37
N LEU A 166 -6.28 -2.80 9.25
CA LEU A 166 -5.75 -1.76 8.39
C LEU A 166 -6.86 -0.83 7.86
N GLU A 167 -7.97 -1.41 7.41
CA GLU A 167 -9.06 -0.60 6.90
C GLU A 167 -9.68 0.26 8.01
N ALA A 168 -9.80 -0.29 9.23
CA ALA A 168 -10.24 0.50 10.37
C ALA A 168 -9.26 1.64 10.61
N SER A 169 -7.96 1.38 10.47
CA SER A 169 -6.97 2.43 10.70
C SER A 169 -7.12 3.59 9.71
N VAL A 170 -7.56 3.29 8.48
CA VAL A 170 -7.86 4.35 7.51
C VAL A 170 -8.91 5.33 8.07
N ARG A 171 -9.95 4.78 8.69
CA ARG A 171 -11.02 5.60 9.24
C ARG A 171 -10.57 6.41 10.45
N TYR A 172 -9.84 5.79 11.36
CA TYR A 172 -9.39 6.50 12.56
C TYR A 172 -8.30 7.51 12.22
N LEU A 173 -7.45 7.18 11.24
CA LEU A 173 -6.48 8.14 10.74
C LEU A 173 -7.16 9.34 10.09
N ALA A 174 -8.20 9.07 9.28
CA ALA A 174 -8.93 10.14 8.61
C ALA A 174 -9.49 11.16 9.61
N VAL A 175 -9.96 10.68 10.75
CA VAL A 175 -10.48 11.56 11.78
C VAL A 175 -9.37 12.36 12.47
N SER A 176 -8.30 11.65 12.86
CA SER A 176 -7.16 12.28 13.53
C SER A 176 -6.54 13.38 12.69
N LEU A 177 -6.34 13.10 11.41
CA LEU A 177 -5.58 13.99 10.53
C LEU A 177 -6.46 14.95 9.73
N GLY A 178 -7.77 14.71 9.73
CA GLY A 178 -8.68 15.43 8.86
C GLY A 178 -8.85 16.91 9.14
N ALA A 179 -8.84 17.30 10.41
CA ALA A 179 -9.02 18.72 10.73
C ALA A 179 -7.90 19.57 10.15
N LYS A 180 -6.69 19.00 10.09
CA LYS A 180 -5.54 19.65 9.48
C LYS A 180 -5.76 19.82 7.98
N GLY A 181 -6.46 18.85 7.39
CA GLY A 181 -6.78 18.86 5.98
C GLY A 181 -6.26 17.63 5.25
N VAL A 182 -5.59 16.75 6.00
CA VAL A 182 -4.95 15.57 5.43
C VAL A 182 -5.97 14.47 5.15
N ARG A 183 -5.87 13.83 3.98
CA ARG A 183 -6.78 12.75 3.62
C ARG A 183 -6.09 11.39 3.72
N VAL A 184 -6.90 10.37 4.02
CA VAL A 184 -6.38 9.03 4.24
C VAL A 184 -7.35 8.03 3.60
N ASN A 185 -6.84 7.18 2.71
CA ASN A 185 -7.68 6.25 1.98
C ASN A 185 -6.94 4.95 1.70
N ALA A 186 -7.69 3.93 1.31
CA ALA A 186 -7.09 2.70 0.82
C ALA A 186 -7.64 2.34 -0.55
N ILE A 187 -6.84 1.60 -1.31
CA ILE A 187 -7.36 0.89 -2.46
C ILE A 187 -7.38 -0.58 -2.11
N SER A 188 -8.55 -1.20 -2.27
CA SER A 188 -8.70 -2.63 -2.13
C SER A 188 -8.50 -3.21 -3.54
N ALA A 189 -7.28 -3.65 -3.81
CA ALA A 189 -6.91 -4.11 -5.13
C ALA A 189 -7.31 -5.55 -5.40
N GLY A 190 -7.68 -5.82 -6.65
CA GLY A 190 -7.85 -7.19 -7.11
C GLY A 190 -6.52 -7.93 -7.14
N PRO A 191 -6.56 -9.25 -7.36
CA PRO A 191 -5.33 -10.03 -7.36
C PRO A 191 -4.40 -9.67 -8.53
N ILE A 192 -3.12 -9.49 -8.21
CA ILE A 192 -2.08 -9.20 -9.18
C ILE A 192 -0.88 -10.07 -8.82
N LYS A 193 -0.27 -10.72 -9.80
CA LYS A 193 0.87 -11.58 -9.49
C LYS A 193 2.12 -10.77 -9.11
N THR A 194 2.40 -10.71 -7.82
CA THR A 194 3.55 -9.99 -7.27
C THR A 194 4.32 -10.99 -6.41
N LEU A 195 5.49 -10.58 -5.91
CA LEU A 195 6.26 -11.45 -5.04
C LEU A 195 5.47 -11.83 -3.78
N ALA A 196 4.87 -10.82 -3.13
CA ALA A 196 4.07 -11.06 -1.93
C ALA A 196 2.89 -12.00 -2.22
N ALA A 197 2.24 -11.81 -3.36
CA ALA A 197 1.06 -12.61 -3.71
C ALA A 197 1.40 -14.10 -3.79
N SER A 198 2.61 -14.39 -4.22
CA SER A 198 3.02 -15.77 -4.42
C SER A 198 3.20 -16.52 -3.09
N GLY A 199 3.14 -15.79 -1.98
CA GLY A 199 3.21 -16.41 -0.67
C GLY A 199 1.88 -17.05 -0.27
N ILE A 200 0.81 -16.58 -0.88
CA ILE A 200 -0.53 -17.10 -0.55
C ILE A 200 -0.74 -18.43 -1.25
N LYS A 201 -1.04 -19.47 -0.48
CA LYS A 201 -1.32 -20.76 -1.08
C LYS A 201 -2.48 -20.65 -2.06
N SER A 202 -2.31 -21.25 -3.24
CA SER A 202 -3.35 -21.25 -4.28
C SER A 202 -3.75 -19.86 -4.78
N PHE A 203 -2.80 -18.93 -4.75
CA PHE A 203 -3.04 -17.61 -5.35
C PHE A 203 -3.48 -17.72 -6.81
N GLY A 204 -2.89 -18.66 -7.56
CA GLY A 204 -3.24 -18.87 -8.95
C GLY A 204 -4.74 -19.13 -9.15
N LYS A 205 -5.33 -19.87 -8.23
CA LYS A 205 -6.77 -20.14 -8.28
C LYS A 205 -7.61 -18.87 -8.10
N ILE A 206 -7.14 -17.97 -7.24
CA ILE A 206 -7.84 -16.70 -6.99
C ILE A 206 -7.76 -15.85 -8.26
N LEU A 207 -6.55 -15.75 -8.81
CA LEU A 207 -6.33 -14.99 -10.03
C LEU A 207 -7.25 -15.48 -11.15
N ASP A 208 -7.29 -16.78 -11.38
CA ASP A 208 -8.14 -17.35 -12.44
C ASP A 208 -9.64 -17.13 -12.18
N PHE A 209 -10.05 -17.23 -10.92
CA PHE A 209 -11.46 -17.08 -10.56
C PHE A 209 -11.93 -15.65 -10.79
N VAL A 210 -11.08 -14.68 -10.45
CA VAL A 210 -11.44 -13.28 -10.63
C VAL A 210 -11.49 -12.94 -12.13
N GLU A 211 -10.58 -13.51 -12.90
CA GLU A 211 -10.61 -13.31 -14.35
C GLU A 211 -11.93 -13.80 -14.96
N SER A 212 -12.43 -14.93 -14.47
CA SER A 212 -13.63 -15.55 -15.02
C SER A 212 -14.94 -14.97 -14.49
N ASN A 213 -14.92 -14.44 -13.26
CA ASN A 213 -16.16 -14.08 -12.58
C ASN A 213 -16.34 -12.60 -12.24
N SER A 214 -15.30 -11.78 -12.43
CA SER A 214 -15.47 -10.35 -12.24
C SER A 214 -16.39 -9.79 -13.31
N PRO A 215 -17.08 -8.68 -13.01
CA PRO A 215 -17.97 -8.06 -14.01
C PRO A 215 -17.23 -7.75 -15.32
N LEU A 216 -15.99 -7.25 -15.25
CA LEU A 216 -15.24 -6.92 -16.46
C LEU A 216 -14.53 -8.13 -17.10
N LYS A 217 -14.66 -9.30 -16.46
CA LYS A 217 -14.08 -10.53 -16.98
C LYS A 217 -12.59 -10.40 -17.28
N ARG A 218 -11.87 -9.70 -16.41
CA ARG A 218 -10.45 -9.49 -16.57
C ARG A 218 -9.85 -9.12 -15.23
N ASN A 219 -8.57 -9.45 -15.05
CA ASN A 219 -7.87 -9.05 -13.85
C ASN A 219 -7.35 -7.62 -13.98
N VAL A 220 -7.13 -6.96 -12.84
CA VAL A 220 -6.61 -5.61 -12.86
C VAL A 220 -5.11 -5.62 -13.05
N THR A 221 -4.54 -4.48 -13.41
CA THR A 221 -3.10 -4.36 -13.57
C THR A 221 -2.57 -3.32 -12.61
N ILE A 222 -1.25 -3.29 -12.43
CA ILE A 222 -0.65 -2.26 -11.59
C ILE A 222 -0.80 -0.88 -12.21
N GLU A 223 -1.01 -0.81 -13.52
CA GLU A 223 -1.29 0.47 -14.17
C GLU A 223 -2.67 1.00 -13.74
N GLN A 224 -3.67 0.12 -13.70
CA GLN A 224 -5.00 0.51 -13.24
C GLN A 224 -5.02 0.88 -11.76
N VAL A 225 -4.35 0.09 -10.93
CA VAL A 225 -4.26 0.43 -9.51
C VAL A 225 -3.46 1.72 -9.34
N GLY A 226 -2.40 1.85 -10.13
CA GLY A 226 -1.55 3.02 -10.08
C GLY A 226 -2.28 4.31 -10.41
N ASN A 227 -3.12 4.26 -11.44
CA ASN A 227 -3.92 5.44 -11.81
C ASN A 227 -4.94 5.83 -10.75
N ALA A 228 -5.58 4.82 -10.16
CA ALA A 228 -6.52 5.06 -9.08
C ALA A 228 -5.78 5.68 -7.90
N GLY A 229 -4.57 5.18 -7.66
CA GLY A 229 -3.74 5.66 -6.57
C GLY A 229 -3.34 7.10 -6.77
N ALA A 230 -2.87 7.42 -7.97
CA ALA A 230 -2.47 8.78 -8.32
C ALA A 230 -3.65 9.74 -8.13
N PHE A 231 -4.83 9.31 -8.59
CA PHE A 231 -6.05 10.09 -8.35
C PHE A 231 -6.28 10.41 -6.86
N LEU A 232 -6.27 9.38 -6.01
CA LEU A 232 -6.48 9.56 -4.58
C LEU A 232 -5.42 10.45 -3.91
N LEU A 233 -4.18 10.39 -4.41
CA LEU A 233 -3.09 11.22 -3.88
C LEU A 233 -3.17 12.68 -4.31
N SER A 234 -4.06 12.97 -5.26
CA SER A 234 -4.12 14.29 -5.90
C SER A 234 -5.26 15.15 -5.37
N ASP A 235 -5.22 16.44 -5.73
CA ASP A 235 -6.27 17.38 -5.33
C ASP A 235 -7.58 17.10 -6.07
N LEU A 236 -7.53 16.29 -7.13
CA LEU A 236 -8.75 15.82 -7.79
C LEU A 236 -9.64 15.09 -6.78
N ALA A 237 -9.01 14.45 -5.81
CA ALA A 237 -9.73 13.66 -4.83
C ALA A 237 -9.89 14.39 -3.49
N SER A 238 -9.86 15.72 -3.51
CA SER A 238 -9.90 16.49 -2.26
C SER A 238 -11.19 16.30 -1.48
N GLY A 239 -12.24 15.79 -2.13
CA GLY A 239 -13.46 15.45 -1.41
C GLY A 239 -13.51 14.06 -0.78
N VAL A 240 -12.44 13.28 -0.96
CA VAL A 240 -12.45 11.85 -0.60
C VAL A 240 -11.46 11.52 0.52
N THR A 241 -11.99 11.04 1.63
CA THR A 241 -11.16 10.55 2.71
C THR A 241 -11.92 9.45 3.44
N ALA A 242 -11.17 8.64 4.18
CA ALA A 242 -11.72 7.48 4.91
C ALA A 242 -12.35 6.46 4.00
N GLU A 243 -11.91 6.43 2.74
CA GLU A 243 -12.54 5.57 1.76
C GLU A 243 -11.67 4.35 1.46
N VAL A 244 -12.32 3.21 1.30
CA VAL A 244 -11.66 2.01 0.79
C VAL A 244 -12.22 1.78 -0.60
N MET A 245 -11.44 2.16 -1.62
CA MET A 245 -11.89 2.08 -3.01
C MET A 245 -11.49 0.75 -3.64
N HIS A 246 -12.47 0.00 -4.14
CA HIS A 246 -12.12 -1.24 -4.83
C HIS A 246 -11.62 -0.95 -6.23
N VAL A 247 -10.46 -1.51 -6.56
CA VAL A 247 -9.97 -1.52 -7.94
C VAL A 247 -9.70 -2.99 -8.28
N ASP A 248 -10.76 -3.69 -8.66
CA ASP A 248 -10.71 -5.14 -8.77
C ASP A 248 -11.67 -5.64 -9.84
N SER A 249 -11.91 -4.82 -10.85
CA SER A 249 -12.79 -5.18 -11.95
C SER A 249 -14.21 -5.47 -11.51
N GLY A 250 -14.56 -4.96 -10.33
CA GLY A 250 -15.90 -5.12 -9.77
C GLY A 250 -16.13 -6.43 -9.04
N PHE A 251 -15.06 -7.22 -8.86
CA PHE A 251 -15.21 -8.57 -8.33
C PHE A 251 -15.88 -8.60 -6.96
N ASN A 252 -15.53 -7.64 -6.11
CA ASN A 252 -16.06 -7.57 -4.74
C ASN A 252 -17.58 -7.50 -4.69
N ALA A 253 -18.18 -7.01 -5.79
CA ALA A 253 -19.59 -6.69 -5.81
C ALA A 253 -20.51 -7.80 -6.28
N VAL A 254 -19.95 -8.98 -6.60
CA VAL A 254 -20.74 -10.08 -7.14
C VAL A 254 -20.63 -11.34 -6.27
N VAL A 255 -21.53 -12.28 -6.51
CA VAL A 255 -21.37 -13.64 -6.02
C VAL A 255 -21.09 -14.48 -7.25
N GLY A 256 -19.82 -14.85 -7.44
CA GLY A 256 -19.40 -15.48 -8.67
C GLY A 256 -19.24 -16.99 -8.58
N GLY A 257 -19.09 -17.62 -9.73
CA GLY A 257 -18.74 -19.03 -9.83
C GLY A 257 -19.88 -20.04 -9.76
N MET A 258 -21.12 -19.56 -9.83
CA MET A 258 -22.27 -20.43 -9.63
C MET A 258 -22.86 -20.95 -10.94
#